data_3Q1N
#
_entry.id   3Q1N
#
_cell.length_a   49.152
_cell.length_b   67.076
_cell.length_c   93.978
_cell.angle_alpha   90.00
_cell.angle_beta   90.00
_cell.angle_gamma   90.00
#
_symmetry.space_group_name_H-M   'P 21 21 21'
#
loop_
_entity.id
_entity.type
_entity.pdbx_description
1 polymer 'Galactose mutarotase related enzyme'
2 non-polymer 'NITRATE ION'
3 non-polymer 'CHLORIDE ION'
4 non-polymer 1,2-ETHANEDIOL
5 water water
#
_entity_poly.entity_id   1
_entity_poly.type   'polypeptide(L)'
_entity_poly.pdbx_seq_one_letter_code
;G(MSE)ITIENSKFKAGIAERGAELQSLVNKADNYEYVWTGDKTFWNRHAPILFPSIGKSNQDQYRLGAKTYP(MSE)SQ
HGFARDYDFDVSDKSDSAVTFTQHQNAETLKKFPFEYTLAVTY(MSE)LTDGGLSVHYTVTNDDSKS(MSE)PFALGFHP
AFNVGLKADGSFDDYDLTVEPLNSPLQRFGIGPVPFRNGDVEDIPGAEGNRLPLTHDLLDGGLVILANSEIAKATLASPH
HDHSITLDISDFPYLTIWSPEHKKAPFIAVEPFDGLPDQAGEPTDWYTKLGNTTLSAGANKQLALKVELH
;
_entity_poly.pdbx_strand_id   A
#
loop_
_chem_comp.id
_chem_comp.type
_chem_comp.name
_chem_comp.formula
CL non-polymer 'CHLORIDE ION' 'Cl -1'
EDO non-polymer 1,2-ETHANEDIOL 'C2 H6 O2'
NO3 non-polymer 'NITRATE ION' 'N O3 -1'
#
# COMPACT_ATOMS: atom_id res chain seq x y z
N GLY A 1 -0.29 -1.73 21.99
CA GLY A 1 0.28 -0.35 22.03
C GLY A 1 -0.12 0.41 20.76
N MSE A 2 -0.85 1.52 20.96
CA MSE A 2 -1.39 2.33 19.88
CA MSE A 2 -1.29 2.34 19.85
C MSE A 2 -1.16 3.80 20.19
O MSE A 2 -1.06 4.18 21.36
CB MSE A 2 -2.89 2.09 19.77
CB MSE A 2 -2.72 2.04 19.50
CG MSE A 2 -3.27 0.76 19.13
CG MSE A 2 -3.69 2.30 20.60
SE MSE A 2 -5.16 0.78 18.68
SE MSE A 2 -5.43 2.18 19.82
CE MSE A 2 -5.88 0.29 20.45
CE MSE A 2 -5.24 3.66 18.55
N ILE A 3 -1.12 4.61 19.14
CA ILE A 3 -0.94 6.02 19.28
C ILE A 3 -2.10 6.67 18.53
N THR A 4 -2.65 7.71 19.11
CA THR A 4 -3.63 8.50 18.37
C THR A 4 -3.08 9.90 18.07
N ILE A 5 -3.45 10.42 16.92
CA ILE A 5 -3.22 11.82 16.57
C ILE A 5 -4.54 12.37 16.15
N GLU A 6 -4.66 13.69 16.21
CA GLU A 6 -5.94 14.32 15.86
C GLU A 6 -5.81 15.80 15.68
N ASN A 7 -6.73 16.33 14.89
CA ASN A 7 -6.90 17.78 14.80
C ASN A 7 -8.39 18.07 14.91
N SER A 8 -8.83 19.27 14.54
CA SER A 8 -10.24 19.60 14.71
C SER A 8 -11.19 18.75 13.84
N LYS A 9 -10.70 18.33 12.69
CA LYS A 9 -11.52 17.58 11.70
C LYS A 9 -11.41 16.04 11.80
N PHE A 10 -10.25 15.54 12.22
CA PHE A 10 -9.89 14.12 11.99
C PHE A 10 -9.23 13.50 13.22
N LYS A 11 -9.39 12.19 13.40
CA LYS A 11 -8.60 11.43 14.35
C LYS A 11 -8.07 10.16 13.67
N ALA A 12 -6.84 9.80 13.98
CA ALA A 12 -6.21 8.58 13.41
C ALA A 12 -5.66 7.76 14.59
N GLY A 13 -5.76 6.43 14.45
CA GLY A 13 -5.15 5.51 15.40
C GLY A 13 -4.17 4.65 14.65
N ILE A 14 -2.95 4.55 15.19
CA ILE A 14 -1.86 3.84 14.55
CA ILE A 14 -1.85 3.86 14.55
C ILE A 14 -1.23 2.90 15.56
N ALA A 15 -1.09 1.65 15.18
CA ALA A 15 -0.49 0.62 16.03
C ALA A 15 1.03 0.68 15.95
N GLU A 16 1.67 0.58 17.12
CA GLU A 16 3.11 0.49 17.16
C GLU A 16 3.57 -0.72 16.39
N ARG A 17 2.80 -1.80 16.46
CA ARG A 17 3.09 -2.98 15.65
C ARG A 17 2.90 -2.69 14.16
N GLY A 18 4.00 -2.72 13.41
CA GLY A 18 4.00 -2.42 11.97
C GLY A 18 3.68 -0.96 11.61
N ALA A 19 3.71 -0.04 12.59
CA ALA A 19 3.28 1.35 12.35
C ALA A 19 2.01 1.38 11.51
N GLU A 20 1.06 0.53 11.89
CA GLU A 20 -0.09 0.23 11.04
C GLU A 20 -1.22 1.20 11.31
N LEU A 21 -1.59 2.01 10.33
CA LEU A 21 -2.80 2.80 10.47
C LEU A 21 -4.00 1.87 10.64
N GLN A 22 -4.79 2.08 11.68
CA GLN A 22 -5.93 1.18 11.91
C GLN A 22 -7.28 1.88 11.87
N SER A 23 -7.28 3.20 12.03
CA SER A 23 -8.50 3.98 12.09
CA SER A 23 -8.50 3.98 12.09
C SER A 23 -8.24 5.41 11.62
N LEU A 24 -9.22 5.97 10.92
CA LEU A 24 -9.15 7.32 10.40
C LEU A 24 -10.57 7.84 10.28
N VAL A 25 -10.88 8.83 11.09
CA VAL A 25 -12.25 9.17 11.37
C VAL A 25 -12.49 10.63 11.07
N ASN A 26 -13.57 10.87 10.34
CA ASN A 26 -14.11 12.21 10.16
CA ASN A 26 -14.11 12.23 10.16
C ASN A 26 -14.94 12.58 11.39
N LYS A 27 -14.44 13.54 12.20
CA LYS A 27 -15.11 13.87 13.47
C LYS A 27 -16.49 14.47 13.30
N ALA A 28 -16.72 15.21 12.22
CA ALA A 28 -18.02 15.87 12.00
C ALA A 28 -19.21 14.90 12.02
N ASP A 29 -19.01 13.68 11.55
CA ASP A 29 -20.09 12.67 11.57
C ASP A 29 -19.66 11.30 12.08
N ASN A 30 -18.47 11.25 12.70
CA ASN A 30 -17.88 10.01 13.17
C ASN A 30 -17.73 8.90 12.09
N TYR A 31 -17.58 9.30 10.86
CA TYR A 31 -17.37 8.33 9.76
C TYR A 31 -15.98 7.72 9.77
N GLU A 32 -15.91 6.39 9.68
CA GLU A 32 -14.66 5.64 9.60
C GLU A 32 -14.27 5.35 8.14
N TYR A 33 -13.13 5.91 7.71
CA TYR A 33 -12.66 5.71 6.34
C TYR A 33 -12.00 4.37 6.13
N VAL A 34 -11.35 3.86 7.17
CA VAL A 34 -10.49 2.65 7.11
C VAL A 34 -11.18 1.39 7.64
N TRP A 35 -11.04 0.30 6.89
CA TRP A 35 -11.59 -1.01 7.25
C TRP A 35 -11.24 -1.36 8.70
N THR A 36 -12.27 -1.85 9.40
CA THR A 36 -12.19 -2.17 10.83
C THR A 36 -11.54 -3.51 11.14
N GLY A 37 -11.13 -4.28 10.14
CA GLY A 37 -10.45 -5.56 10.39
C GLY A 37 -11.35 -6.70 10.85
N ASP A 38 -12.63 -6.66 10.51
CA ASP A 38 -13.56 -7.78 10.70
C ASP A 38 -13.05 -9.01 9.93
N LYS A 39 -12.62 -10.03 10.69
CA LYS A 39 -12.04 -11.28 10.16
C LYS A 39 -12.98 -12.11 9.24
N THR A 40 -14.26 -11.77 9.23
CA THR A 40 -15.18 -12.32 8.24
C THR A 40 -14.63 -12.12 6.83
N PHE A 41 -13.98 -10.97 6.58
CA PHE A 41 -13.45 -10.62 5.26
C PHE A 41 -11.94 -10.42 5.22
N TRP A 42 -11.40 -9.70 6.20
CA TRP A 42 -9.96 -9.46 6.24
C TRP A 42 -9.57 -8.91 7.60
N ASN A 43 -8.61 -9.53 8.26
CA ASN A 43 -8.32 -9.18 9.62
C ASN A 43 -7.27 -8.10 9.82
N ARG A 44 -6.91 -7.36 8.75
CA ARG A 44 -5.97 -6.26 8.88
C ARG A 44 -6.63 -4.94 8.44
N HIS A 45 -5.86 -3.85 8.48
CA HIS A 45 -6.45 -2.53 8.19
C HIS A 45 -5.69 -1.82 7.05
N ALA A 46 -4.39 -1.61 7.26
CA ALA A 46 -3.55 -0.85 6.32
C ALA A 46 -2.05 -1.13 6.52
N PRO A 47 -1.64 -2.39 6.29
CA PRO A 47 -0.24 -2.68 6.55
C PRO A 47 0.79 -1.98 5.68
N ILE A 48 1.99 -1.84 6.27
CA ILE A 48 3.17 -1.45 5.54
CA ILE A 48 3.15 -1.45 5.51
C ILE A 48 3.83 -2.70 4.98
N LEU A 49 4.28 -2.61 3.72
CA LEU A 49 4.87 -3.72 2.97
C LEU A 49 6.34 -3.40 2.72
N PHE A 50 7.23 -4.07 3.44
CA PHE A 50 8.68 -3.83 3.27
C PHE A 50 9.42 -5.04 3.81
N PRO A 51 10.49 -5.48 3.14
CA PRO A 51 11.13 -5.01 1.91
C PRO A 51 10.62 -5.68 0.63
N SER A 52 9.51 -6.42 0.73
CA SER A 52 8.88 -7.05 -0.43
CA SER A 52 8.86 -7.02 -0.46
C SER A 52 7.38 -6.69 -0.42
N ILE A 53 6.79 -6.60 -1.60
CA ILE A 53 5.36 -6.45 -1.81
C ILE A 53 4.84 -7.76 -2.35
N GLY A 54 3.77 -8.27 -1.78
CA GLY A 54 3.21 -9.50 -2.31
C GLY A 54 4.02 -10.73 -2.00
N LYS A 55 3.84 -11.74 -2.85
CA LYS A 55 4.47 -13.04 -2.62
CA LYS A 55 4.47 -13.02 -2.63
C LYS A 55 5.82 -13.12 -3.36
N SER A 56 6.70 -13.93 -2.82
CA SER A 56 8.00 -14.28 -3.37
C SER A 56 7.96 -15.70 -3.95
N ASN A 57 8.63 -15.90 -5.08
CA ASN A 57 8.63 -17.20 -5.76
C ASN A 57 9.17 -18.27 -4.78
N GLN A 58 8.35 -19.28 -4.49
CA GLN A 58 8.72 -20.37 -3.57
C GLN A 58 9.21 -19.83 -2.23
N ASP A 59 8.59 -18.72 -1.83
CA ASP A 59 8.87 -17.98 -0.57
C ASP A 59 10.35 -17.77 -0.33
N GLN A 60 11.06 -17.44 -1.40
CA GLN A 60 12.50 -17.19 -1.33
C GLN A 60 12.92 -16.25 -2.46
N TYR A 61 14.16 -15.81 -2.41
CA TYR A 61 14.74 -14.96 -3.41
C TYR A 61 16.24 -15.05 -3.40
N ARG A 62 16.87 -14.36 -4.33
CA ARG A 62 18.33 -14.33 -4.40
C ARG A 62 18.91 -12.94 -4.17
N LEU A 63 20.13 -12.94 -3.61
CA LEU A 63 21.02 -11.77 -3.66
C LEU A 63 22.27 -12.26 -4.37
N GLY A 64 22.34 -11.97 -5.65
CA GLY A 64 23.38 -12.52 -6.51
C GLY A 64 23.20 -14.02 -6.51
N ALA A 65 24.20 -14.75 -6.06
CA ALA A 65 24.14 -16.22 -6.13
C ALA A 65 23.60 -16.88 -4.86
N LYS A 66 23.36 -16.10 -3.80
CA LYS A 66 22.91 -16.62 -2.51
CA LYS A 66 22.91 -16.63 -2.50
C LYS A 66 21.38 -16.58 -2.39
N THR A 67 20.81 -17.59 -1.75
CA THR A 67 19.36 -17.69 -1.54
C THR A 67 18.93 -17.38 -0.11
N TYR A 68 17.87 -16.57 0.03
CA TYR A 68 17.25 -16.26 1.34
C TYR A 68 15.75 -16.49 1.31
N PRO A 69 15.15 -16.76 2.47
CA PRO A 69 13.72 -16.89 2.61
C PRO A 69 13.07 -15.52 2.71
N MSE A 70 11.85 -15.36 2.19
CA MSE A 70 11.12 -14.11 2.32
C MSE A 70 9.65 -14.40 2.50
O MSE A 70 9.04 -15.19 1.75
CB MSE A 70 11.32 -13.17 1.16
CG MSE A 70 10.59 -11.82 1.25
SE MSE A 70 11.02 -10.79 2.84
CE MSE A 70 12.93 -10.68 2.53
N SER A 71 9.06 -13.73 3.48
CA SER A 71 7.66 -13.90 3.79
C SER A 71 6.81 -13.07 2.83
N GLN A 72 5.60 -13.52 2.58
CA GLN A 72 4.64 -12.73 1.83
C GLN A 72 4.38 -11.40 2.56
N HIS A 73 4.23 -10.32 1.81
CA HIS A 73 4.02 -8.97 2.30
C HIS A 73 5.26 -8.39 3.04
N GLY A 74 6.41 -9.04 2.95
CA GLY A 74 7.60 -8.55 3.65
C GLY A 74 7.53 -8.89 5.14
N PHE A 75 8.22 -8.10 5.95
CA PHE A 75 8.28 -8.33 7.37
C PHE A 75 8.20 -7.11 8.30
N ALA A 76 8.19 -5.91 7.74
CA ALA A 76 8.08 -4.68 8.58
C ALA A 76 6.76 -4.72 9.40
N ARG A 77 5.71 -5.26 8.79
CA ARG A 77 4.40 -5.30 9.38
C ARG A 77 4.41 -6.23 10.59
N ASP A 78 5.44 -7.07 10.72
CA ASP A 78 5.48 -8.07 11.81
C ASP A 78 6.15 -7.65 13.11
N TYR A 79 6.82 -6.50 13.10
CA TYR A 79 7.58 -6.02 14.25
C TYR A 79 7.20 -4.58 14.64
N ASP A 80 7.44 -4.25 15.91
CA ASP A 80 7.08 -2.94 16.42
C ASP A 80 7.99 -1.87 15.82
N PHE A 81 7.47 -0.65 15.82
CA PHE A 81 8.25 0.55 15.52
C PHE A 81 8.31 1.38 16.79
N ASP A 82 9.44 2.05 17.03
CA ASP A 82 9.58 2.98 18.14
C ASP A 82 8.92 4.30 17.82
N VAL A 83 8.36 4.95 18.86
CA VAL A 83 7.65 6.22 18.69
C VAL A 83 8.57 7.42 19.07
N SER A 84 8.56 8.45 18.24
CA SER A 84 9.29 9.67 18.52
C SER A 84 8.55 10.88 17.95
N ASP A 85 8.99 12.07 18.36
CA ASP A 85 8.46 13.31 17.82
C ASP A 85 6.92 13.34 17.80
N LYS A 86 6.33 12.95 18.93
CA LYS A 86 4.87 12.89 19.08
CA LYS A 86 4.88 12.88 19.07
C LYS A 86 4.31 14.25 19.46
N SER A 87 3.43 14.78 18.62
CA SER A 87 2.65 15.98 18.95
C SER A 87 1.20 15.59 18.83
N ASP A 88 0.27 16.55 18.99
CA ASP A 88 -1.13 16.18 18.97
CA ASP A 88 -1.17 16.25 18.97
C ASP A 88 -1.57 15.69 17.61
N SER A 89 -0.96 16.25 16.56
CA SER A 89 -1.40 15.99 15.21
CA SER A 89 -1.38 16.02 15.18
C SER A 89 -0.40 15.22 14.35
N ALA A 90 0.75 14.82 14.92
CA ALA A 90 1.78 14.10 14.14
C ALA A 90 2.56 13.15 15.04
N VAL A 91 3.16 12.15 14.41
CA VAL A 91 3.97 11.20 15.13
C VAL A 91 4.89 10.48 14.17
N THR A 92 6.05 10.05 14.67
CA THR A 92 7.04 9.35 13.85
C THR A 92 7.30 7.97 14.45
N PHE A 93 7.31 6.98 13.57
CA PHE A 93 7.59 5.59 13.92
C PHE A 93 8.86 5.12 13.22
N THR A 94 9.72 4.40 13.93
CA THR A 94 10.98 3.97 13.37
C THR A 94 11.27 2.53 13.71
N GLN A 95 11.58 1.76 12.67
CA GLN A 95 12.01 0.34 12.82
C GLN A 95 13.43 0.16 12.27
N HIS A 96 14.18 -0.72 12.91
CA HIS A 96 15.47 -1.19 12.44
C HIS A 96 15.41 -2.70 12.33
N GLN A 97 16.44 -3.29 11.70
CA GLN A 97 16.60 -4.71 11.64
C GLN A 97 16.67 -5.36 13.02
N ASN A 98 16.44 -6.66 13.04
CA ASN A 98 16.61 -7.48 14.22
C ASN A 98 17.17 -8.84 13.80
N ALA A 99 17.53 -9.69 14.77
CA ALA A 99 18.10 -10.98 14.48
C ALA A 99 17.26 -11.87 13.56
N GLU A 100 15.93 -11.73 13.65
CA GLU A 100 15.02 -12.47 12.82
C GLU A 100 14.99 -11.92 11.37
N THR A 101 14.89 -10.61 11.22
CA THR A 101 14.87 -10.00 9.89
C THR A 101 16.19 -10.28 9.18
N LEU A 102 17.31 -10.26 9.93
CA LEU A 102 18.62 -10.52 9.29
C LEU A 102 18.74 -11.91 8.65
N LYS A 103 17.97 -12.88 9.12
CA LYS A 103 17.94 -14.22 8.50
C LYS A 103 17.24 -14.21 7.15
N LYS A 104 16.30 -13.29 6.98
CA LYS A 104 15.56 -13.16 5.74
C LYS A 104 16.21 -12.18 4.77
N PHE A 105 16.95 -11.20 5.31
CA PHE A 105 17.29 -9.99 4.61
C PHE A 105 18.53 -9.43 5.34
N PRO A 106 19.72 -9.74 4.81
CA PRO A 106 20.96 -9.55 5.61
C PRO A 106 21.49 -8.12 5.57
N PHE A 107 20.60 -7.18 5.91
CA PHE A 107 20.89 -5.77 5.84
C PHE A 107 20.46 -5.07 7.11
N GLU A 108 21.34 -4.22 7.61
CA GLU A 108 20.95 -3.17 8.52
C GLU A 108 20.19 -2.07 7.80
N TYR A 109 19.05 -1.68 8.38
CA TYR A 109 18.20 -0.68 7.78
C TYR A 109 17.51 0.17 8.80
N THR A 110 17.03 1.32 8.33
CA THR A 110 16.07 2.10 9.09
C THR A 110 14.86 2.34 8.19
N LEU A 111 13.65 2.11 8.73
CA LEU A 111 12.44 2.44 8.06
C LEU A 111 11.70 3.39 8.96
N ALA A 112 11.54 4.63 8.51
CA ALA A 112 10.91 5.66 9.30
C ALA A 112 9.67 6.14 8.60
N VAL A 113 8.60 6.30 9.37
CA VAL A 113 7.31 6.73 8.85
CA VAL A 113 7.35 6.81 8.81
C VAL A 113 6.76 7.86 9.74
N THR A 114 6.41 9.00 9.16
CA THR A 114 5.84 10.11 9.90
C THR A 114 4.42 10.33 9.41
N TYR A 115 3.47 10.35 10.35
CA TYR A 115 2.06 10.59 10.04
C TYR A 115 1.71 11.98 10.52
N MSE A 116 0.97 12.74 9.72
CA MSE A 116 0.52 14.08 10.10
CA MSE A 116 0.49 14.03 10.17
C MSE A 116 -0.90 14.31 9.59
O MSE A 116 -1.12 14.16 8.38
CB MSE A 116 1.42 15.14 9.47
CB MSE A 116 1.48 15.13 9.76
CG MSE A 116 0.78 16.53 9.33
CG MSE A 116 1.12 16.47 10.34
SE MSE A 116 2.05 17.81 8.65
SE MSE A 116 2.28 17.90 9.72
CE MSE A 116 3.42 17.35 9.97
CE MSE A 116 3.35 17.09 8.33
N LEU A 117 -1.83 14.69 10.48
CA LEU A 117 -3.15 15.13 10.07
C LEU A 117 -3.13 16.63 9.79
N THR A 118 -3.81 17.01 8.72
CA THR A 118 -3.95 18.39 8.26
C THR A 118 -5.41 18.63 7.95
N ASP A 119 -5.77 19.85 7.53
CA ASP A 119 -7.14 20.08 7.09
C ASP A 119 -7.58 19.17 5.94
N GLY A 120 -6.63 18.77 5.10
CA GLY A 120 -6.93 17.99 3.92
C GLY A 120 -7.10 16.51 4.18
N GLY A 121 -6.50 16.01 5.27
CA GLY A 121 -6.43 14.59 5.56
C GLY A 121 -5.14 14.16 6.21
N LEU A 122 -4.61 13.01 5.75
CA LEU A 122 -3.47 12.38 6.42
C LEU A 122 -2.28 12.39 5.50
N SER A 123 -1.20 13.01 5.89
CA SER A 123 0.07 12.98 5.13
CA SER A 123 0.05 12.93 5.10
C SER A 123 0.93 11.85 5.74
N VAL A 124 1.66 11.12 4.91
CA VAL A 124 2.53 10.06 5.38
C VAL A 124 3.85 10.24 4.61
N HIS A 125 4.96 10.29 5.33
CA HIS A 125 6.28 10.42 4.73
CA HIS A 125 6.28 10.41 4.74
C HIS A 125 7.10 9.19 5.15
N TYR A 126 7.71 8.51 4.18
CA TYR A 126 8.54 7.32 4.43
C TYR A 126 9.99 7.65 4.14
N THR A 127 10.92 7.13 4.96
CA THR A 127 12.34 7.19 4.63
C THR A 127 12.92 5.81 4.88
N VAL A 128 13.51 5.26 3.86
CA VAL A 128 14.18 3.98 3.88
C VAL A 128 15.66 4.30 3.80
N THR A 129 16.41 3.88 4.81
CA THR A 129 17.86 4.11 4.83
C THR A 129 18.56 2.77 4.87
N ASN A 130 19.55 2.65 4.01
CA ASN A 130 20.48 1.51 3.96
C ASN A 130 21.58 1.77 4.98
N ASP A 131 21.50 1.13 6.13
CA ASP A 131 22.52 1.28 7.15
C ASP A 131 23.65 0.24 7.02
N ASP A 132 23.64 -0.53 5.94
CA ASP A 132 24.61 -1.60 5.74
C ASP A 132 25.75 -1.09 4.85
N SER A 133 26.84 -1.86 4.82
CA SER A 133 27.93 -1.66 3.87
CA SER A 133 27.89 -1.60 3.85
C SER A 133 27.61 -2.25 2.49
N LYS A 134 26.70 -3.21 2.46
CA LYS A 134 26.30 -3.84 1.21
C LYS A 134 25.24 -2.99 0.55
N SER A 135 25.13 -3.12 -0.78
CA SER A 135 24.05 -2.50 -1.55
C SER A 135 22.74 -3.18 -1.21
N MSE A 136 21.71 -2.39 -0.86
CA MSE A 136 20.43 -2.92 -0.34
C MSE A 136 19.29 -2.71 -1.34
O MSE A 136 18.89 -1.58 -1.60
CB MSE A 136 20.10 -2.27 0.97
CG MSE A 136 18.82 -2.81 1.64
SE MSE A 136 18.33 -2.00 3.31
CE MSE A 136 17.28 -0.57 2.59
N PRO A 137 18.74 -3.81 -1.84
CA PRO A 137 17.58 -3.72 -2.74
C PRO A 137 16.31 -3.88 -1.92
N PHE A 138 15.27 -3.10 -2.26
CA PHE A 138 14.02 -3.21 -1.51
C PHE A 138 12.84 -2.74 -2.33
N ALA A 139 11.67 -3.16 -1.88
CA ALA A 139 10.38 -2.58 -2.28
C ALA A 139 9.66 -2.03 -1.06
N LEU A 140 8.82 -1.03 -1.27
CA LEU A 140 8.03 -0.45 -0.17
CA LEU A 140 8.03 -0.44 -0.16
C LEU A 140 6.62 -0.18 -0.68
N GLY A 141 5.63 -0.65 0.04
CA GLY A 141 4.23 -0.35 -0.30
C GLY A 141 3.39 -0.09 0.93
N PHE A 142 2.21 0.46 0.71
CA PHE A 142 1.23 0.76 1.77
C PHE A 142 -0.11 0.17 1.26
N HIS A 143 -0.84 -0.53 2.12
CA HIS A 143 -1.96 -1.42 1.76
C HIS A 143 -3.29 -1.07 2.50
N PRO A 144 -3.77 0.20 2.39
CA PRO A 144 -4.98 0.57 3.14
C PRO A 144 -6.23 0.02 2.48
N ALA A 145 -7.14 -0.50 3.28
CA ALA A 145 -8.47 -0.91 2.83
C ALA A 145 -9.45 0.16 3.31
N PHE A 146 -10.25 0.66 2.37
CA PHE A 146 -11.21 1.71 2.60
C PHE A 146 -12.62 1.19 2.58
N ASN A 147 -13.40 1.60 3.56
CA ASN A 147 -14.83 1.23 3.60
C ASN A 147 -15.55 1.79 2.35
N VAL A 148 -16.46 0.97 1.79
CA VAL A 148 -17.34 1.36 0.67
C VAL A 148 -18.75 0.86 0.88
N GLY A 149 -19.72 1.58 0.31
CA GLY A 149 -21.09 1.14 0.33
C GLY A 149 -21.37 0.06 -0.68
N LEU A 150 -22.30 -0.82 -0.29
CA LEU A 150 -22.74 -1.90 -1.12
C LEU A 150 -24.23 -1.79 -1.51
N LYS A 151 -24.54 -2.34 -2.68
CA LYS A 151 -25.93 -2.44 -3.16
C LYS A 151 -26.68 -3.50 -2.40
N ALA A 152 -28.01 -3.55 -2.64
CA ALA A 152 -28.90 -4.56 -1.99
C ALA A 152 -28.35 -5.97 -2.11
N ASP A 153 -27.75 -6.28 -3.26
CA ASP A 153 -27.17 -7.63 -3.53
C ASP A 153 -25.71 -7.82 -3.16
N GLY A 154 -25.12 -6.82 -2.48
CA GLY A 154 -23.74 -6.89 -2.03
C GLY A 154 -22.68 -6.45 -3.03
N SER A 155 -23.10 -6.07 -4.24
CA SER A 155 -22.15 -5.52 -5.21
CA SER A 155 -22.24 -5.46 -5.25
C SER A 155 -21.69 -4.14 -4.76
N PHE A 156 -20.50 -3.73 -5.23
CA PHE A 156 -20.02 -2.40 -4.89
C PHE A 156 -21.00 -1.37 -5.46
N ASP A 157 -21.30 -0.33 -4.69
CA ASP A 157 -22.35 0.63 -5.12
C ASP A 157 -21.85 1.75 -6.02
N ASP A 158 -21.52 1.39 -7.25
CA ASP A 158 -21.10 2.33 -8.29
C ASP A 158 -19.86 3.16 -7.91
N TYR A 159 -18.81 2.48 -7.46
CA TYR A 159 -17.53 3.08 -7.15
C TYR A 159 -16.61 3.01 -8.36
N ASP A 160 -15.91 4.10 -8.62
CA ASP A 160 -14.90 4.14 -9.65
C ASP A 160 -13.62 4.68 -9.03
N LEU A 161 -12.49 4.37 -9.66
CA LEU A 161 -11.26 5.06 -9.43
C LEU A 161 -11.07 6.00 -10.60
N THR A 162 -10.84 7.27 -10.29
N THR A 162 -10.84 7.27 -10.30
CA THR A 162 -10.56 8.27 -11.30
CA THR A 162 -10.57 8.25 -11.32
C THR A 162 -9.14 8.74 -11.08
C THR A 162 -9.18 8.83 -11.11
N VAL A 163 -8.37 8.82 -12.16
CA VAL A 163 -6.92 9.14 -12.06
C VAL A 163 -6.53 10.32 -12.92
N GLU A 164 -5.51 11.04 -12.47
CA GLU A 164 -4.92 12.09 -13.29
C GLU A 164 -3.48 12.37 -12.88
N PRO A 165 -2.63 12.83 -13.84
CA PRO A 165 -2.93 12.85 -15.27
C PRO A 165 -2.77 11.47 -15.84
N LEU A 166 -3.17 11.28 -17.08
CA LEU A 166 -3.00 10.01 -17.76
C LEU A 166 -2.50 10.30 -19.19
N ASN A 167 -1.30 9.82 -19.50
CA ASN A 167 -0.69 10.10 -20.83
C ASN A 167 -0.82 8.93 -21.81
N SER A 168 -1.53 7.88 -21.43
CA SER A 168 -1.82 6.76 -22.34
C SER A 168 -2.92 5.92 -21.66
N PRO A 169 -3.55 4.98 -22.39
CA PRO A 169 -4.61 4.23 -21.78
C PRO A 169 -4.18 3.52 -20.50
N LEU A 170 -5.12 3.36 -19.57
CA LEU A 170 -4.85 2.65 -18.32
C LEU A 170 -4.41 1.23 -18.60
N GLN A 171 -3.33 0.79 -17.95
CA GLN A 171 -2.81 -0.58 -18.11
CA GLN A 171 -2.80 -0.57 -18.10
C GLN A 171 -2.56 -1.19 -16.73
N ARG A 172 -2.67 -2.53 -16.67
CA ARG A 172 -2.36 -3.28 -15.46
CA ARG A 172 -2.34 -3.27 -15.47
C ARG A 172 -1.27 -4.31 -15.75
N PHE A 173 -0.53 -4.66 -14.73
CA PHE A 173 0.38 -5.79 -14.80
C PHE A 173 -0.41 -7.09 -14.87
N GLY A 174 -0.14 -7.91 -15.85
CA GLY A 174 -0.79 -9.21 -15.91
C GLY A 174 -0.48 -10.08 -14.70
N ILE A 175 -1.51 -10.81 -14.24
CA ILE A 175 -1.43 -11.69 -13.07
C ILE A 175 -1.51 -13.17 -13.46
N GLY A 176 -0.67 -13.99 -12.84
CA GLY A 176 -0.73 -15.43 -13.00
C GLY A 176 0.49 -16.12 -12.42
N PRO A 177 0.28 -17.10 -11.51
CA PRO A 177 -0.91 -17.44 -10.74
C PRO A 177 -1.15 -16.39 -9.67
N VAL A 178 -2.40 -16.02 -9.44
CA VAL A 178 -2.69 -15.00 -8.45
CA VAL A 178 -2.72 -15.03 -8.43
C VAL A 178 -2.04 -15.41 -7.11
N PRO A 179 -1.40 -14.44 -6.41
CA PRO A 179 -1.20 -13.00 -6.68
C PRO A 179 0.16 -12.62 -7.30
N PHE A 180 0.81 -13.56 -7.98
CA PHE A 180 2.05 -13.28 -8.70
C PHE A 180 1.74 -12.62 -10.05
N ARG A 181 2.72 -11.91 -10.59
CA ARG A 181 2.66 -11.40 -11.96
C ARG A 181 3.06 -12.43 -13.02
N ASN A 182 2.47 -12.30 -14.20
CA ASN A 182 2.83 -13.12 -15.34
C ASN A 182 3.89 -12.50 -16.26
N GLY A 183 4.27 -11.23 -16.02
CA GLY A 183 5.23 -10.52 -16.85
C GLY A 183 4.72 -9.56 -17.94
N ASP A 184 3.43 -9.58 -18.20
CA ASP A 184 2.93 -8.63 -19.18
CA ASP A 184 2.73 -8.73 -19.19
C ASP A 184 2.29 -7.40 -18.54
N VAL A 185 2.02 -6.44 -19.40
CA VAL A 185 1.27 -5.25 -19.07
C VAL A 185 0.19 -5.22 -20.14
N GLU A 186 -1.06 -4.98 -19.73
CA GLU A 186 -2.23 -5.23 -20.57
C GLU A 186 -3.37 -4.27 -20.27
N ASP A 187 -4.39 -4.32 -21.13
CA ASP A 187 -5.61 -3.51 -20.93
C ASP A 187 -6.41 -4.00 -19.75
N ILE A 188 -7.24 -3.11 -19.20
CA ILE A 188 -8.02 -3.41 -17.99
C ILE A 188 -9.51 -3.56 -18.31
N PRO A 189 -10.14 -4.69 -17.89
CA PRO A 189 -11.57 -4.85 -18.16
C PRO A 189 -12.37 -3.66 -17.65
N GLY A 190 -13.02 -2.96 -18.60
CA GLY A 190 -13.96 -1.90 -18.27
C GLY A 190 -13.41 -0.48 -18.19
N ALA A 191 -12.12 -0.27 -18.43
CA ALA A 191 -11.54 1.08 -18.29
C ALA A 191 -12.13 2.03 -19.34
N GLU A 192 -12.42 3.26 -18.93
CA GLU A 192 -12.92 4.29 -19.84
C GLU A 192 -12.17 5.57 -19.59
N GLY A 193 -11.18 5.82 -20.44
CA GLY A 193 -10.32 6.97 -20.27
C GLY A 193 -9.69 6.92 -18.90
N ASN A 194 -9.86 7.98 -18.12
CA ASN A 194 -9.23 8.03 -16.81
C ASN A 194 -10.10 7.49 -15.67
N ARG A 195 -11.14 6.76 -16.01
CA ARG A 195 -12.10 6.25 -15.04
CA ARG A 195 -12.10 6.25 -15.04
C ARG A 195 -12.14 4.73 -15.12
N LEU A 196 -11.98 4.07 -13.97
CA LEU A 196 -12.04 2.60 -13.90
C LEU A 196 -13.17 2.18 -12.96
N PRO A 197 -14.25 1.60 -13.50
CA PRO A 197 -15.30 1.11 -12.62
C PRO A 197 -14.75 -0.04 -11.77
N LEU A 198 -15.04 -0.03 -10.48
CA LEU A 198 -14.51 -1.03 -9.55
C LEU A 198 -15.63 -2.02 -9.19
N THR A 199 -15.55 -3.20 -9.80
CA THR A 199 -16.61 -4.18 -9.74
C THR A 199 -16.01 -5.50 -9.29
N HIS A 200 -16.87 -6.40 -8.83
CA HIS A 200 -16.41 -7.75 -8.53
C HIS A 200 -15.99 -8.47 -9.79
N ASP A 201 -16.68 -8.20 -10.90
CA ASP A 201 -16.25 -8.70 -12.21
C ASP A 201 -14.78 -8.36 -12.51
N LEU A 202 -14.38 -7.12 -12.21
CA LEU A 202 -12.97 -6.72 -12.36
C LEU A 202 -12.11 -7.40 -11.28
N LEU A 203 -12.52 -7.31 -10.02
CA LEU A 203 -11.57 -7.62 -8.92
C LEU A 203 -11.49 -9.10 -8.53
N ASP A 204 -12.45 -9.90 -8.96
CA ASP A 204 -12.49 -11.31 -8.55
C ASP A 204 -11.33 -12.11 -9.09
N GLY A 205 -10.68 -11.61 -10.15
CA GLY A 205 -9.50 -12.23 -10.73
C GLY A 205 -8.19 -11.87 -10.06
N GLY A 206 -8.27 -11.13 -8.95
CA GLY A 206 -7.08 -10.77 -8.21
C GLY A 206 -6.75 -9.30 -8.29
N LEU A 207 -5.70 -8.95 -7.57
CA LEU A 207 -5.22 -7.59 -7.50
C LEU A 207 -5.00 -6.96 -8.91
N VAL A 208 -5.40 -5.69 -9.05
CA VAL A 208 -5.24 -4.89 -10.27
C VAL A 208 -4.14 -3.85 -10.03
N ILE A 209 -2.97 -4.11 -10.58
CA ILE A 209 -1.81 -3.22 -10.38
C ILE A 209 -1.67 -2.26 -11.56
N LEU A 210 -2.06 -1.00 -11.37
CA LEU A 210 -1.95 -0.01 -12.44
C LEU A 210 -0.50 0.33 -12.73
N ALA A 211 -0.16 0.26 -14.02
CA ALA A 211 1.20 0.43 -14.50
C ALA A 211 1.54 1.87 -14.87
N ASN A 212 0.54 2.76 -14.88
CA ASN A 212 0.74 4.12 -15.38
C ASN A 212 1.37 5.02 -14.31
N SER A 213 2.71 5.15 -14.35
CA SER A 213 3.43 5.81 -13.25
CA SER A 213 3.42 5.80 -13.25
C SER A 213 3.26 7.31 -13.18
N GLU A 214 2.75 7.91 -14.24
CA GLU A 214 2.56 9.34 -14.27
C GLU A 214 1.40 9.85 -13.38
N ILE A 215 0.55 8.94 -12.91
CA ILE A 215 -0.60 9.34 -12.08
C ILE A 215 -0.18 10.09 -10.83
N ALA A 216 -0.82 11.22 -10.59
CA ALA A 216 -0.55 12.05 -9.44
C ALA A 216 -1.64 11.93 -8.39
N LYS A 217 -2.88 11.79 -8.84
CA LYS A 217 -4.02 11.68 -7.94
CA LYS A 217 -4.07 11.72 -7.97
C LYS A 217 -4.94 10.58 -8.39
N ALA A 218 -5.45 9.83 -7.43
CA ALA A 218 -6.39 8.73 -7.69
C ALA A 218 -7.51 8.84 -6.64
N THR A 219 -8.74 9.03 -7.14
CA THR A 219 -9.93 9.21 -6.31
C THR A 219 -10.82 7.99 -6.32
N LEU A 220 -11.18 7.52 -5.13
CA LEU A 220 -12.12 6.40 -4.91
C LEU A 220 -13.42 7.07 -4.45
N ALA A 221 -14.45 6.95 -5.29
CA ALA A 221 -15.71 7.65 -5.06
C ALA A 221 -16.89 6.94 -5.74
N SER A 222 -18.07 7.21 -5.21
CA SER A 222 -19.35 6.82 -5.80
C SER A 222 -20.28 8.01 -5.76
N PRO A 223 -21.05 8.23 -6.82
CA PRO A 223 -22.01 9.34 -6.81
C PRO A 223 -23.10 9.17 -5.75
N HIS A 224 -23.26 7.96 -5.20
CA HIS A 224 -24.30 7.71 -4.19
C HIS A 224 -23.82 7.85 -2.75
N HIS A 225 -22.56 8.20 -2.54
CA HIS A 225 -21.99 8.23 -1.21
C HIS A 225 -21.22 9.48 -0.92
N ASP A 226 -21.44 10.00 0.27
CA ASP A 226 -20.92 11.31 0.67
C ASP A 226 -19.43 11.35 0.74
N HIS A 227 -18.83 10.32 1.33
CA HIS A 227 -17.41 10.35 1.59
C HIS A 227 -16.67 9.70 0.40
N SER A 228 -15.59 10.31 0.01
CA SER A 228 -14.66 9.74 -0.93
C SER A 228 -13.29 10.07 -0.38
N ILE A 229 -12.27 9.43 -0.94
CA ILE A 229 -10.88 9.76 -0.67
C ILE A 229 -10.11 9.91 -1.97
N THR A 230 -9.06 10.70 -1.91
CA THR A 230 -8.14 10.87 -3.02
C THR A 230 -6.72 10.62 -2.49
N LEU A 231 -5.99 9.76 -3.18
CA LEU A 231 -4.58 9.47 -2.90
C LEU A 231 -3.68 10.32 -3.76
N ASP A 232 -2.80 11.09 -3.13
CA ASP A 232 -1.79 11.88 -3.82
C ASP A 232 -0.52 11.00 -3.81
N ILE A 233 -0.15 10.49 -4.97
CA ILE A 233 0.84 9.37 -5.04
C ILE A 233 1.84 9.52 -6.19
N SER A 234 2.24 10.74 -6.54
CA SER A 234 3.21 10.94 -7.62
CA SER A 234 3.19 10.89 -7.65
C SER A 234 4.50 10.16 -7.36
N ASP A 235 4.89 10.08 -6.09
CA ASP A 235 6.14 9.40 -5.72
C ASP A 235 6.12 7.88 -5.90
N PHE A 236 4.94 7.28 -5.97
CA PHE A 236 4.78 5.82 -6.00
C PHE A 236 4.50 5.42 -7.46
N PRO A 237 5.36 4.60 -8.06
CA PRO A 237 5.18 4.29 -9.48
C PRO A 237 3.95 3.48 -9.79
N TYR A 238 3.48 2.66 -8.85
CA TYR A 238 2.33 1.79 -9.16
C TYR A 238 1.24 1.94 -8.10
N LEU A 239 0.03 1.49 -8.42
CA LEU A 239 -1.13 1.66 -7.57
C LEU A 239 -2.03 0.46 -7.73
N THR A 240 -2.34 -0.22 -6.65
CA THR A 240 -3.03 -1.49 -6.73
C THR A 240 -4.42 -1.44 -6.09
N ILE A 241 -5.40 -2.00 -6.80
CA ILE A 241 -6.76 -2.10 -6.29
CA ILE A 241 -6.77 -2.10 -6.29
C ILE A 241 -7.02 -3.58 -5.96
N TRP A 242 -7.60 -3.82 -4.79
CA TRP A 242 -7.86 -5.20 -4.29
C TRP A 242 -9.08 -5.25 -3.39
N SER A 243 -9.88 -6.30 -3.54
CA SER A 243 -10.90 -6.66 -2.57
C SER A 243 -11.02 -8.17 -2.57
N PRO A 244 -11.24 -8.77 -1.39
CA PRO A 244 -11.25 -10.22 -1.31
C PRO A 244 -12.07 -10.89 -2.43
N GLU A 245 -11.39 -11.82 -3.11
CA GLU A 245 -11.90 -12.43 -4.32
CA GLU A 245 -11.90 -12.43 -4.32
C GLU A 245 -13.04 -13.39 -3.99
N HIS A 246 -14.09 -13.33 -4.81
CA HIS A 246 -15.30 -14.17 -4.66
C HIS A 246 -16.00 -14.01 -3.32
N LYS A 247 -15.78 -12.88 -2.65
CA LYS A 247 -16.49 -12.52 -1.42
CA LYS A 247 -16.49 -12.52 -1.42
C LYS A 247 -17.19 -11.19 -1.68
N LYS A 248 -18.06 -10.80 -0.78
CA LYS A 248 -18.77 -9.51 -0.87
CA LYS A 248 -18.72 -9.49 -0.87
C LYS A 248 -18.29 -8.58 0.27
N ALA A 249 -16.99 -8.25 0.29
CA ALA A 249 -16.45 -7.41 1.33
C ALA A 249 -16.92 -5.97 1.11
N PRO A 250 -17.29 -5.27 2.18
CA PRO A 250 -17.71 -3.86 2.10
C PRO A 250 -16.50 -2.93 2.17
N PHE A 251 -15.44 -3.31 1.47
CA PHE A 251 -14.22 -2.45 1.35
C PHE A 251 -13.50 -2.66 0.04
N ILE A 252 -12.71 -1.67 -0.35
CA ILE A 252 -11.81 -1.73 -1.48
C ILE A 252 -10.50 -1.13 -1.01
N ALA A 253 -9.40 -1.88 -1.21
CA ALA A 253 -8.07 -1.39 -0.95
C ALA A 253 -7.49 -0.70 -2.17
N VAL A 254 -6.79 0.41 -1.93
CA VAL A 254 -6.15 1.21 -2.98
C VAL A 254 -4.77 1.48 -2.46
N GLU A 255 -3.77 0.82 -3.06
CA GLU A 255 -2.51 0.53 -2.43
C GLU A 255 -1.32 1.12 -3.17
N PRO A 256 -0.71 2.18 -2.63
CA PRO A 256 0.46 2.72 -3.30
C PRO A 256 1.64 1.74 -3.22
N PHE A 257 2.25 1.45 -4.38
CA PHE A 257 3.35 0.48 -4.51
C PHE A 257 4.61 1.16 -5.07
N ASP A 258 5.70 1.10 -4.30
CA ASP A 258 7.06 1.35 -4.84
C ASP A 258 7.79 0.00 -4.96
N GLY A 259 7.28 -0.84 -5.87
CA GLY A 259 7.74 -2.19 -6.07
C GLY A 259 6.57 -3.01 -6.58
N LEU A 260 6.84 -4.27 -6.84
CA LEU A 260 5.87 -5.18 -7.46
C LEU A 260 6.03 -6.58 -6.92
N PRO A 261 4.92 -7.35 -6.86
CA PRO A 261 5.08 -8.77 -6.57
C PRO A 261 5.99 -9.45 -7.58
N ASP A 262 6.54 -10.60 -7.24
CA ASP A 262 7.38 -11.30 -8.15
C ASP A 262 6.63 -11.72 -9.43
N GLN A 263 7.39 -11.74 -10.51
CA GLN A 263 6.97 -12.43 -11.74
C GLN A 263 7.20 -13.93 -11.53
N ALA A 264 6.16 -14.73 -11.80
CA ALA A 264 6.20 -16.19 -11.59
C ALA A 264 7.39 -16.86 -12.25
N GLY A 265 7.96 -17.85 -11.58
CA GLY A 265 9.06 -18.62 -12.11
C GLY A 265 10.07 -18.92 -11.03
N GLU A 266 11.36 -18.87 -11.39
CA GLU A 266 12.43 -19.17 -10.44
CA GLU A 266 12.42 -19.18 -10.43
C GLU A 266 12.66 -18.02 -9.46
N PRO A 267 13.29 -18.29 -8.33
CA PRO A 267 13.61 -17.21 -7.38
C PRO A 267 14.43 -16.08 -8.07
N THR A 268 14.05 -14.85 -7.72
CA THR A 268 14.52 -13.67 -8.43
C THR A 268 15.65 -13.00 -7.69
N ASP A 269 16.69 -12.60 -8.40
CA ASP A 269 17.73 -11.74 -7.80
C ASP A 269 17.14 -10.39 -7.51
N TRP A 270 17.12 -10.04 -6.23
CA TRP A 270 16.53 -8.73 -5.90
C TRP A 270 17.28 -7.52 -6.44
N TYR A 271 18.52 -7.74 -6.87
CA TYR A 271 19.26 -6.67 -7.55
C TYR A 271 18.79 -6.40 -8.98
N THR A 272 17.91 -7.26 -9.52
CA THR A 272 17.33 -7.00 -10.84
C THR A 272 15.78 -7.13 -10.86
N LYS A 273 15.18 -7.46 -9.73
CA LYS A 273 13.72 -7.67 -9.59
C LYS A 273 12.97 -6.39 -10.00
N LEU A 274 12.03 -6.54 -10.92
CA LEU A 274 11.32 -5.36 -11.43
C LEU A 274 10.63 -4.65 -10.29
N GLY A 275 10.83 -3.33 -10.23
CA GLY A 275 10.22 -2.47 -9.22
C GLY A 275 11.08 -2.24 -7.99
N ASN A 276 12.10 -3.06 -7.78
CA ASN A 276 13.04 -2.82 -6.72
C ASN A 276 13.93 -1.60 -6.97
N THR A 277 14.34 -1.00 -5.85
CA THR A 277 15.31 0.07 -5.77
C THR A 277 16.54 -0.46 -5.02
N THR A 278 17.73 -0.24 -5.58
CA THR A 278 18.98 -0.59 -4.91
C THR A 278 19.66 0.66 -4.34
N LEU A 279 19.79 0.69 -3.05
CA LEU A 279 20.49 1.80 -2.38
C LEU A 279 21.94 1.48 -2.13
N SER A 280 22.81 2.42 -2.50
CA SER A 280 24.19 2.42 -2.08
C SER A 280 24.34 2.46 -0.54
N ALA A 281 25.50 2.00 -0.05
CA ALA A 281 25.74 2.05 1.39
C ALA A 281 25.48 3.44 1.95
N GLY A 282 24.66 3.51 3.00
CA GLY A 282 24.32 4.75 3.67
C GLY A 282 23.33 5.65 2.96
N ALA A 283 22.87 5.27 1.76
CA ALA A 283 21.92 6.11 1.04
C ALA A 283 20.50 5.91 1.58
N ASN A 284 19.65 6.87 1.26
CA ASN A 284 18.24 6.78 1.64
C ASN A 284 17.33 7.09 0.47
N LYS A 285 16.11 6.57 0.54
CA LYS A 285 15.04 6.96 -0.38
C LYS A 285 13.91 7.53 0.44
N GLN A 286 13.37 8.66 -0.02
CA GLN A 286 12.21 9.23 0.64
C GLN A 286 11.01 9.23 -0.31
N LEU A 287 9.85 8.88 0.23
CA LEU A 287 8.58 8.82 -0.50
CA LEU A 287 8.59 8.89 -0.52
C LEU A 287 7.52 9.51 0.33
N ALA A 288 6.63 10.26 -0.30
CA ALA A 288 5.52 10.90 0.41
C ALA A 288 4.23 10.53 -0.25
N LEU A 289 3.16 10.50 0.54
CA LEU A 289 1.79 10.45 0.00
C LEU A 289 0.84 11.27 0.88
N LYS A 290 -0.35 11.54 0.35
CA LYS A 290 -1.44 12.09 1.13
C LYS A 290 -2.71 11.30 0.86
N VAL A 291 -3.50 11.11 1.91
CA VAL A 291 -4.84 10.55 1.78
C VAL A 291 -5.76 11.77 2.02
N GLU A 292 -6.33 12.32 0.97
CA GLU A 292 -7.28 13.42 1.12
C GLU A 292 -8.62 12.84 1.56
N LEU A 293 -9.17 13.41 2.63
CA LEU A 293 -10.35 12.86 3.29
C LEU A 293 -11.56 13.75 2.99
N HIS A 294 -12.42 13.29 2.08
CA HIS A 294 -13.57 14.04 1.58
CA HIS A 294 -13.55 14.10 1.68
C HIS A 294 -14.83 13.41 2.13
N NO3 B . -1.01 -7.40 4.06
O1 NO3 B . 0.11 -7.04 4.78
O2 NO3 B . -1.36 -6.79 2.88
O3 NO3 B . -1.81 -8.40 4.51
N NO3 C . 0.71 -7.30 -0.63
O1 NO3 C . 1.84 -7.60 0.11
O2 NO3 C . 0.74 -6.71 -1.87
O3 NO3 C . -0.51 -7.67 -0.15
N NO3 D . -0.50 -10.61 -2.11
O1 NO3 D . -0.47 -9.93 -3.29
O2 NO3 D . -1.69 -10.76 -1.41
O3 NO3 D . 0.65 -11.15 -1.63
N NO3 E . 1.20 19.53 20.51
O1 NO3 E . 1.15 20.69 21.27
O2 NO3 E . 0.55 19.46 19.28
O3 NO3 E . 1.95 18.45 20.98
N NO3 F . -8.84 12.53 -9.65
O1 NO3 F . -8.21 12.57 -8.42
O2 NO3 F . -8.10 12.30 -10.81
O3 NO3 F . -10.22 12.76 -9.74
CL CL G . -29.62 -0.88 -4.54
CL CL H . -19.68 -5.22 -8.05
C1 EDO I . -13.62 5.87 1.75
C1 EDO I . -14.18 6.32 1.85
O1 EDO I . -14.67 6.55 2.43
O1 EDO I . -14.07 5.28 2.85
C2 EDO I . -13.91 5.81 0.25
C2 EDO I . -14.44 5.71 0.48
O2 EDO I . -15.13 5.10 0.00
O2 EDO I . -15.72 5.07 0.49
C1 EDO J . -3.33 -6.92 -2.76
O1 EDO J . -2.00 -6.39 -2.61
C2 EDO J . -3.51 -8.27 -2.11
O2 EDO J . -3.24 -8.22 -0.69
C1 EDO K . -4.56 -10.24 1.38
O1 EDO K . -3.82 -11.44 1.11
C2 EDO K . -3.68 -9.31 2.19
O2 EDO K . -3.36 -9.92 3.46
C1 EDO L . -25.83 1.56 -0.45
O1 EDO L . -26.28 2.92 -0.68
C2 EDO L . -24.89 1.36 0.77
O2 EDO L . -25.45 1.79 2.04
C1 EDO M . 8.35 7.65 -9.14
O1 EDO M . 8.78 9.00 -9.31
C2 EDO M . 7.08 7.44 -9.93
O2 EDO M . 7.46 6.84 -11.17
C1 EDO N . 10.62 4.69 -8.38
O1 EDO N . 10.92 3.32 -8.09
C2 EDO N . 11.68 5.58 -7.78
O2 EDO N . 11.38 5.83 -6.41
C1 EDO O . 8.22 -17.61 4.33
O1 EDO O . 6.81 -17.68 4.58
C2 EDO O . 8.92 -16.90 5.49
O2 EDO O . 10.27 -17.34 5.52
C1 EDO P . -25.68 12.21 -2.16
O1 EDO P . -25.14 13.02 -3.22
C2 EDO P . -24.71 11.08 -1.86
O2 EDO P . -23.34 11.56 -1.93
C1 EDO Q . -11.54 -2.97 -21.76
O1 EDO Q . -12.45 -1.99 -21.24
C2 EDO Q . -10.25 -2.30 -22.20
O2 EDO Q . -9.49 -1.91 -21.04
C1 EDO R . 10.37 13.49 -0.40
O1 EDO R . 9.49 13.12 0.68
C2 EDO R . 9.80 12.98 -1.72
O2 EDO R . 8.46 13.48 -1.90
C1 EDO S . 0.80 13.78 -6.02
O1 EDO S . -0.48 14.47 -6.05
C2 EDO S . 1.30 13.50 -4.59
O2 EDO S . 2.70 13.45 -4.33
C1 EDO T . 9.77 9.54 8.97
O1 EDO T . 10.44 10.64 9.50
C2 EDO T . 10.17 9.35 7.51
O2 EDO T . 10.03 10.46 6.68
#